data_1B5I
#
_entry.id   1B5I
#
_cell.length_a   109.689
_cell.length_b   76.089
_cell.length_c   70.490
_cell.angle_alpha   90.00
_cell.angle_beta   90.00
_cell.angle_gamma   90.00
#
_symmetry.space_group_name_H-M   'P 21 21 21'
#
loop_
_entity.id
_entity.type
_entity.pdbx_description
1 polymer 'PROTEIN (OLIGO-PEPTIDE BINDING PROTEIN)'
2 polymer 'PROTEIN (LYS-ASN-LYS)'
3 non-polymer 'URANIUM ATOM'
4 water water
#
loop_
_entity_poly.entity_id
_entity_poly.type
_entity_poly.pdbx_seq_one_letter_code
_entity_poly.pdbx_strand_id
1 'polypeptide(L)'
;ADVPAGVQLADKQTLVRNNGSEVQSLDPHKIEGVPESNVSRDLFEGLLISDVEGHPSPGVAEKWENKDFKVWTFHLRENA
KWSDGTPVTAHDFVYSWQRLADPNTASPYASYLQYGHIANIDDIIAGKKPATDLGVKALDDHTFEVTLSEPVPYFYKLLV
HPSVSPVPKSAVEKFGDKWTQPANIVTNGAYKLKNWVVNERIVLERNPQYWDNAKTVINQVTYLPISSEVTDVNRYRSGE
IDMTYNNMPIELFQKLKKEIPNEVRVDPYLCTYYYEINNQKAPFNDVRVRTALKLALDRDIIVNKVKNQGDLPAYSYTPP
YTDGAKLVEPEWFKWSQQKRNEEAKKLLAEAGFTADKPLTFDLLYNTSDLHKKLAIAVASIWKKNLGVNVNLENQEWKTF
LDTRHQGTFDVARAGWCADYNEPTSFLNTMLSDSSNNTAHYKSPAFDKLIADTLKVADDTQRSELYAKAEQQLDKDSAIV
PVYYYVNARLVKPWVGGYTGKDPLDNIYVKNLYIIKH
;
A
2 'polypeptide(L)' KNK B
#
loop_
_chem_comp.id
_chem_comp.type
_chem_comp.name
_chem_comp.formula
U1 non-polymer 'URANIUM ATOM' U
#
# COMPACT_ATOMS: atom_id res chain seq x y z
N ALA A 1 -0.53 2.05 23.95
CA ALA A 1 0.38 3.22 23.91
C ALA A 1 1.29 3.21 25.14
N ASP A 2 2.47 3.78 25.00
CA ASP A 2 3.39 3.90 26.17
C ASP A 2 3.53 5.37 26.50
N VAL A 3 2.69 5.92 27.38
CA VAL A 3 2.78 7.36 27.67
C VAL A 3 3.98 7.68 28.55
N PRO A 4 4.88 8.54 28.10
CA PRO A 4 6.07 8.93 28.86
C PRO A 4 5.74 9.50 30.22
N ALA A 5 6.57 9.19 31.22
CA ALA A 5 6.44 9.68 32.57
C ALA A 5 6.34 11.20 32.55
N GLY A 6 5.48 11.82 33.35
CA GLY A 6 5.42 13.27 33.31
C GLY A 6 4.50 13.86 32.24
N VAL A 7 4.14 13.14 31.17
CA VAL A 7 3.22 13.80 30.24
C VAL A 7 1.84 13.82 30.90
N GLN A 8 1.13 14.93 30.76
CA GLN A 8 -0.21 15.05 31.30
C GLN A 8 -1.19 14.67 30.18
N LEU A 9 -2.07 13.73 30.43
CA LEU A 9 -3.03 13.39 29.38
C LEU A 9 -4.27 14.27 29.41
N ALA A 10 -4.83 14.51 28.22
CA ALA A 10 -6.08 15.23 28.10
C ALA A 10 -7.19 14.40 28.74
N ASP A 11 -8.22 15.06 29.27
CA ASP A 11 -9.35 14.34 29.85
C ASP A 11 -10.08 13.54 28.75
N LYS A 12 -10.27 14.19 27.60
CA LYS A 12 -10.99 13.53 26.50
C LYS A 12 -9.97 12.91 25.54
N GLN A 13 -10.02 11.58 25.43
CA GLN A 13 -9.05 10.92 24.53
C GLN A 13 -9.70 10.50 23.24
N THR A 14 -9.89 11.47 22.34
CA THR A 14 -10.48 11.19 21.02
C THR A 14 -9.55 11.75 19.96
N LEU A 15 -9.64 11.17 18.77
CA LEU A 15 -8.77 11.53 17.66
C LEU A 15 -9.55 11.60 16.38
N VAL A 16 -9.17 12.56 15.52
CA VAL A 16 -9.86 12.65 14.22
C VAL A 16 -8.74 12.60 13.19
N ARG A 17 -8.77 11.63 12.29
CA ARG A 17 -7.75 11.51 11.25
C ARG A 17 -8.33 11.62 9.88
N ASN A 18 -7.71 12.34 8.94
CA ASN A 18 -8.27 12.32 7.59
C ASN A 18 -7.71 11.02 6.94
N ASN A 19 -8.48 10.37 6.08
CA ASN A 19 -8.06 9.08 5.53
C ASN A 19 -8.07 9.04 4.00
N GLY A 20 -8.05 10.23 3.39
CA GLY A 20 -7.89 10.37 1.95
C GLY A 20 -9.06 10.08 1.06
N SER A 21 -9.91 9.14 1.34
CA SER A 21 -11.07 8.77 0.57
C SER A 21 -11.93 7.76 1.30
N GLU A 22 -13.07 7.50 0.67
CA GLU A 22 -13.97 6.46 1.18
C GLU A 22 -13.30 5.12 0.95
N VAL A 23 -13.27 4.23 1.94
CA VAL A 23 -12.59 2.95 1.76
C VAL A 23 -13.31 2.06 0.77
N GLN A 24 -12.57 1.15 0.15
CA GLN A 24 -13.16 0.16 -0.72
C GLN A 24 -14.11 -0.74 0.07
N SER A 25 -13.67 -1.09 1.29
CA SER A 25 -14.38 -2.06 2.12
C SER A 25 -13.76 -2.11 3.49
N LEU A 26 -14.41 -2.75 4.47
CA LEU A 26 -13.77 -3.00 5.75
C LEU A 26 -13.41 -4.50 5.84
N ASP A 27 -13.67 -5.24 4.78
CA ASP A 27 -13.37 -6.68 4.76
C ASP A 27 -11.92 -6.84 4.38
N PRO A 28 -11.09 -7.36 5.26
CA PRO A 28 -9.67 -7.54 5.04
C PRO A 28 -9.28 -8.27 3.77
N HIS A 29 -10.10 -9.12 3.19
CA HIS A 29 -9.88 -9.82 1.94
C HIS A 29 -10.41 -9.05 0.73
N LYS A 30 -11.00 -7.87 0.89
CA LYS A 30 -11.48 -7.14 -0.31
C LYS A 30 -10.76 -5.81 -0.47
N ILE A 31 -9.62 -5.62 0.19
CA ILE A 31 -8.97 -4.31 0.18
C ILE A 31 -7.55 -4.36 -0.36
N GLU A 32 -7.11 -3.18 -0.87
CA GLU A 32 -5.70 -3.16 -1.35
C GLU A 32 -5.03 -1.84 -1.13
N GLY A 33 -5.71 -0.86 -0.51
CA GLY A 33 -5.10 0.47 -0.41
C GLY A 33 -4.77 0.95 0.99
N VAL A 34 -4.06 2.09 1.00
CA VAL A 34 -3.62 2.74 2.25
C VAL A 34 -4.77 3.19 3.13
N PRO A 35 -5.76 3.87 2.56
CA PRO A 35 -6.93 4.28 3.34
C PRO A 35 -7.62 3.07 3.94
N GLU A 36 -7.69 1.96 3.17
CA GLU A 36 -8.35 0.75 3.68
C GLU A 36 -7.54 0.15 4.82
N SER A 37 -6.22 0.11 4.66
CA SER A 37 -5.32 -0.49 5.67
C SER A 37 -5.23 0.36 6.92
N ASN A 38 -5.39 1.68 6.79
CA ASN A 38 -5.36 2.55 7.96
C ASN A 38 -6.46 2.16 8.94
N VAL A 39 -7.66 1.93 8.41
CA VAL A 39 -8.78 1.51 9.24
C VAL A 39 -8.57 0.05 9.65
N SER A 40 -8.17 -0.82 8.72
CA SER A 40 -8.02 -2.25 9.07
C SER A 40 -7.11 -2.52 10.25
N ARG A 41 -5.99 -1.79 10.38
CA ARG A 41 -5.07 -2.03 11.46
C ARG A 41 -5.66 -1.74 12.84
N ASP A 42 -6.65 -0.83 12.93
CA ASP A 42 -7.31 -0.59 14.20
C ASP A 42 -8.36 -1.65 14.51
N LEU A 43 -8.91 -2.29 13.49
CA LEU A 43 -9.96 -3.29 13.69
C LEU A 43 -9.58 -4.76 13.74
N PHE A 44 -8.68 -5.21 12.88
CA PHE A 44 -8.28 -6.59 12.75
C PHE A 44 -6.77 -6.74 12.97
N GLU A 45 -6.47 -7.73 13.84
CA GLU A 45 -5.07 -7.97 14.19
C GLU A 45 -4.63 -9.36 13.79
N GLY A 46 -3.53 -9.39 13.02
CA GLY A 46 -3.00 -10.65 12.55
C GLY A 46 -1.99 -11.26 13.53
N LEU A 47 -1.18 -12.18 12.98
CA LEU A 47 -0.20 -12.90 13.77
C LEU A 47 0.82 -11.97 14.40
N LEU A 48 1.35 -11.04 13.59
CA LEU A 48 2.32 -10.06 14.07
C LEU A 48 1.73 -8.66 13.75
N ILE A 49 2.27 -7.63 14.39
CA ILE A 49 1.86 -6.26 14.08
C ILE A 49 3.15 -5.43 13.99
N SER A 50 3.13 -4.23 13.43
CA SER A 50 4.33 -3.40 13.47
C SER A 50 4.44 -2.70 14.82
N ASP A 51 5.63 -2.51 15.42
CA ASP A 51 5.64 -1.73 16.67
C ASP A 51 5.58 -0.26 16.28
N VAL A 52 5.73 0.70 17.20
CA VAL A 52 5.68 2.12 16.85
C VAL A 52 6.78 2.59 15.93
N GLU A 53 7.86 1.84 15.75
CA GLU A 53 8.93 2.23 14.85
C GLU A 53 8.87 1.37 13.59
N GLY A 54 7.85 0.51 13.45
CA GLY A 54 7.74 -0.33 12.26
C GLY A 54 8.33 -1.71 12.34
N HIS A 55 8.98 -2.12 13.45
CA HIS A 55 9.53 -3.49 13.44
C HIS A 55 8.42 -4.53 13.58
N PRO A 56 8.47 -5.64 12.85
CA PRO A 56 7.48 -6.71 13.01
C PRO A 56 7.53 -7.16 14.45
N SER A 57 6.41 -7.32 15.15
CA SER A 57 6.45 -7.65 16.57
C SER A 57 5.20 -8.49 16.84
N PRO A 58 5.11 -9.04 18.05
CA PRO A 58 4.00 -9.92 18.40
C PRO A 58 2.63 -9.32 18.20
N GLY A 59 1.72 -10.05 17.54
CA GLY A 59 0.34 -9.55 17.39
C GLY A 59 -0.49 -10.61 18.14
N VAL A 60 -1.32 -11.37 17.44
CA VAL A 60 -2.03 -12.47 18.11
C VAL A 60 -1.02 -13.55 18.50
N ALA A 61 0.05 -13.73 17.72
CA ALA A 61 1.11 -14.66 18.04
C ALA A 61 2.07 -14.03 19.05
N GLU A 62 2.25 -14.69 20.21
CA GLU A 62 3.18 -14.07 21.19
C GLU A 62 4.61 -14.54 20.89
N LYS A 63 4.72 -15.69 20.24
CA LYS A 63 6.06 -16.18 19.90
C LYS A 63 5.98 -17.15 18.73
N TRP A 64 7.08 -17.34 18.00
CA TRP A 64 7.07 -18.18 16.82
C TRP A 64 8.45 -18.71 16.49
N GLU A 65 8.49 -19.81 15.74
CA GLU A 65 9.76 -20.43 15.35
C GLU A 65 9.63 -20.88 13.90
N ASN A 66 10.78 -21.14 13.29
CA ASN A 66 10.72 -21.67 11.94
C ASN A 66 11.71 -22.84 11.87
N LYS A 67 11.40 -23.72 10.95
CA LYS A 67 12.27 -24.83 10.61
C LYS A 67 12.73 -24.66 9.17
N ASP A 68 14.02 -24.37 8.97
CA ASP A 68 14.58 -24.19 7.64
C ASP A 68 13.91 -23.10 6.82
N PHE A 69 13.29 -22.11 7.47
CA PHE A 69 12.51 -21.05 6.86
C PHE A 69 11.37 -21.58 6.00
N LYS A 70 10.89 -22.79 6.25
CA LYS A 70 9.85 -23.41 5.45
C LYS A 70 8.62 -23.76 6.26
N VAL A 71 8.82 -24.17 7.52
CA VAL A 71 7.66 -24.48 8.35
C VAL A 71 7.65 -23.46 9.49
N TRP A 72 6.62 -22.62 9.53
CA TRP A 72 6.53 -21.58 10.55
C TRP A 72 5.48 -21.89 11.58
N THR A 73 5.82 -21.91 12.86
CA THR A 73 4.90 -22.26 13.96
C THR A 73 4.64 -21.08 14.87
N PHE A 74 3.38 -20.64 14.88
CA PHE A 74 2.99 -19.46 15.65
C PHE A 74 2.19 -19.82 16.89
N HIS A 75 2.70 -19.41 18.04
CA HIS A 75 2.07 -19.67 19.32
C HIS A 75 1.17 -18.51 19.70
N LEU A 76 -0.15 -18.64 19.60
CA LEU A 76 -1.11 -17.60 19.84
C LEU A 76 -1.38 -17.36 21.33
N ARG A 77 -1.37 -16.08 21.75
CA ARG A 77 -1.61 -15.80 23.18
C ARG A 77 -2.97 -16.32 23.60
N GLU A 78 -3.02 -16.87 24.83
CA GLU A 78 -4.29 -17.48 25.27
C GLU A 78 -5.42 -16.50 25.45
N ASN A 79 -5.15 -15.25 25.78
CA ASN A 79 -6.20 -14.26 25.97
C ASN A 79 -6.60 -13.43 24.75
N ALA A 80 -6.19 -13.78 23.53
CA ALA A 80 -6.64 -13.00 22.37
C ALA A 80 -8.15 -13.26 22.22
N LYS A 81 -8.95 -12.22 22.08
CA LYS A 81 -10.39 -12.36 21.92
C LYS A 81 -10.94 -11.41 20.85
N TRP A 82 -12.10 -11.73 20.31
CA TRP A 82 -12.85 -10.93 19.38
C TRP A 82 -13.67 -9.93 20.20
N SER A 83 -14.31 -8.94 19.56
CA SER A 83 -15.09 -7.97 20.30
C SER A 83 -16.36 -8.53 20.93
N ASP A 84 -16.81 -9.73 20.54
CA ASP A 84 -17.95 -10.34 21.21
C ASP A 84 -17.51 -11.23 22.37
N GLY A 85 -16.24 -11.20 22.72
CA GLY A 85 -15.69 -11.96 23.81
C GLY A 85 -15.22 -13.37 23.52
N THR A 86 -15.45 -13.87 22.32
CA THR A 86 -15.02 -15.23 21.98
C THR A 86 -13.54 -15.24 21.66
N PRO A 87 -12.87 -16.34 21.90
CA PRO A 87 -11.45 -16.45 21.70
C PRO A 87 -11.06 -16.38 20.23
N VAL A 88 -9.90 -15.78 20.02
CA VAL A 88 -9.29 -15.76 18.69
C VAL A 88 -8.46 -17.07 18.64
N THR A 89 -8.67 -17.93 17.66
CA THR A 89 -7.91 -19.20 17.74
C THR A 89 -7.14 -19.42 16.47
N ALA A 90 -6.33 -20.49 16.39
CA ALA A 90 -5.64 -20.81 15.17
C ALA A 90 -6.64 -21.23 14.09
N HIS A 91 -7.83 -21.73 14.43
CA HIS A 91 -8.86 -22.12 13.47
C HIS A 91 -9.33 -20.87 12.72
N ASP A 92 -9.32 -19.71 13.37
CA ASP A 92 -9.71 -18.47 12.70
C ASP A 92 -8.71 -18.18 11.59
N PHE A 93 -7.41 -18.39 11.88
CA PHE A 93 -6.39 -18.10 10.86
C PHE A 93 -6.52 -19.10 9.71
N VAL A 94 -6.79 -20.38 10.01
CA VAL A 94 -6.98 -21.38 8.96
C VAL A 94 -8.11 -20.97 8.03
N TYR A 95 -9.28 -20.70 8.60
CA TYR A 95 -10.41 -20.29 7.75
C TYR A 95 -10.03 -19.05 6.98
N SER A 96 -9.47 -18.06 7.68
CA SER A 96 -9.16 -16.78 6.99
C SER A 96 -8.18 -16.85 5.85
N TRP A 97 -7.05 -17.55 6.02
CA TRP A 97 -6.10 -17.66 4.90
C TRP A 97 -6.68 -18.52 3.78
N GLN A 98 -7.57 -19.48 4.11
CA GLN A 98 -8.21 -20.25 3.05
C GLN A 98 -9.14 -19.34 2.24
N ARG A 99 -9.90 -18.47 2.90
CA ARG A 99 -10.83 -17.56 2.24
C ARG A 99 -10.07 -16.57 1.36
N LEU A 100 -8.92 -16.12 1.87
CA LEU A 100 -8.07 -15.24 1.04
C LEU A 100 -7.62 -15.94 -0.23
N ALA A 101 -7.22 -17.22 -0.17
CA ALA A 101 -6.77 -18.00 -1.29
C ALA A 101 -7.84 -18.36 -2.32
N ASP A 102 -9.05 -18.55 -1.85
CA ASP A 102 -10.18 -18.98 -2.66
C ASP A 102 -10.53 -17.98 -3.74
N PRO A 103 -10.46 -18.41 -4.99
CA PRO A 103 -10.80 -17.56 -6.14
C PRO A 103 -12.20 -17.01 -6.09
N ASN A 104 -13.14 -17.73 -5.43
CA ASN A 104 -14.49 -17.17 -5.29
C ASN A 104 -14.48 -15.88 -4.46
N THR A 105 -13.53 -15.68 -3.55
CA THR A 105 -13.44 -14.42 -2.79
C THR A 105 -12.93 -13.26 -3.66
N ALA A 106 -12.23 -13.57 -4.73
CA ALA A 106 -11.68 -12.60 -5.66
C ALA A 106 -10.93 -11.48 -4.94
N SER A 107 -10.04 -11.86 -4.01
CA SER A 107 -9.34 -10.78 -3.29
C SER A 107 -8.31 -10.18 -4.22
N PRO A 108 -8.12 -8.85 -4.17
CA PRO A 108 -7.01 -8.24 -4.87
C PRO A 108 -5.68 -8.70 -4.28
N TYR A 109 -5.69 -9.20 -3.03
CA TYR A 109 -4.50 -9.63 -2.35
C TYR A 109 -4.38 -11.15 -2.29
N ALA A 110 -5.10 -11.86 -3.19
CA ALA A 110 -4.96 -13.31 -3.25
C ALA A 110 -3.51 -13.73 -3.44
N SER A 111 -2.73 -13.02 -4.26
CA SER A 111 -1.34 -13.33 -4.51
C SER A 111 -0.39 -13.09 -3.37
N TYR A 112 -0.83 -12.49 -2.25
CA TYR A 112 0.03 -12.30 -1.10
C TYR A 112 0.48 -13.68 -0.59
N LEU A 113 -0.38 -14.72 -0.74
CA LEU A 113 0.00 -16.06 -0.31
C LEU A 113 0.97 -16.71 -1.30
N GLN A 114 1.04 -16.23 -2.54
CA GLN A 114 2.06 -16.61 -3.49
C GLN A 114 3.36 -15.94 -3.10
N TYR A 115 3.26 -14.65 -2.72
CA TYR A 115 4.50 -13.95 -2.30
C TYR A 115 5.16 -14.65 -1.11
N GLY A 116 4.34 -15.18 -0.18
CA GLY A 116 4.91 -15.92 0.94
C GLY A 116 5.15 -17.38 0.61
N HIS A 117 4.77 -17.87 -0.56
CA HIS A 117 4.93 -19.23 -1.02
C HIS A 117 4.26 -20.27 -0.12
N ILE A 118 3.08 -20.02 0.38
CA ILE A 118 2.37 -21.02 1.20
C ILE A 118 2.11 -22.22 0.30
N ALA A 119 2.28 -23.43 0.80
CA ALA A 119 2.11 -24.61 -0.04
C ALA A 119 0.74 -24.67 -0.69
N ASN A 120 0.72 -25.13 -1.93
CA ASN A 120 -0.39 -25.33 -2.82
C ASN A 120 -1.14 -24.08 -3.29
N ILE A 121 -0.64 -22.87 -3.03
CA ILE A 121 -1.38 -21.68 -3.43
C ILE A 121 -1.59 -21.56 -4.94
N ASP A 122 -0.62 -21.82 -5.79
CA ASP A 122 -0.81 -21.68 -7.25
C ASP A 122 -2.00 -22.48 -7.75
N ASP A 123 -2.07 -23.76 -7.35
CA ASP A 123 -3.17 -24.65 -7.70
C ASP A 123 -4.51 -24.17 -7.16
N ILE A 124 -4.50 -23.58 -5.97
CA ILE A 124 -5.75 -23.09 -5.38
C ILE A 124 -6.24 -21.91 -6.18
N ILE A 125 -5.34 -20.95 -6.46
CA ILE A 125 -5.77 -19.79 -7.25
C ILE A 125 -6.27 -20.21 -8.61
N ALA A 126 -5.61 -21.20 -9.22
CA ALA A 126 -6.00 -21.69 -10.53
C ALA A 126 -7.24 -22.56 -10.52
N GLY A 127 -7.87 -22.86 -9.39
CA GLY A 127 -9.08 -23.65 -9.37
C GLY A 127 -8.82 -25.15 -9.45
N LYS A 128 -7.56 -25.57 -9.46
CA LYS A 128 -7.19 -26.97 -9.53
C LYS A 128 -7.35 -27.70 -8.21
N LYS A 129 -7.12 -27.05 -7.07
CA LYS A 129 -7.30 -27.69 -5.78
C LYS A 129 -8.20 -26.76 -4.98
N PRO A 130 -8.99 -27.32 -4.09
CA PRO A 130 -9.86 -26.54 -3.23
C PRO A 130 -9.01 -25.77 -2.22
N ALA A 131 -9.56 -24.69 -1.69
CA ALA A 131 -8.86 -23.82 -0.72
C ALA A 131 -8.46 -24.56 0.54
N THR A 132 -9.14 -25.64 0.90
CA THR A 132 -8.78 -26.47 2.03
C THR A 132 -7.47 -27.20 1.87
N ASP A 133 -6.85 -27.26 0.71
CA ASP A 133 -5.54 -27.84 0.51
C ASP A 133 -4.40 -26.85 0.86
N LEU A 134 -4.71 -25.62 1.22
CA LEU A 134 -3.67 -24.60 1.49
C LEU A 134 -2.77 -25.06 2.61
N GLY A 135 -1.47 -24.80 2.56
CA GLY A 135 -0.53 -25.29 3.57
C GLY A 135 -0.58 -24.60 4.91
N VAL A 136 -1.74 -24.59 5.55
CA VAL A 136 -1.94 -24.00 6.86
C VAL A 136 -2.68 -25.02 7.75
N LYS A 137 -2.35 -25.08 9.02
CA LYS A 137 -3.15 -25.97 9.89
C LYS A 137 -3.14 -25.48 11.33
N ALA A 138 -4.21 -25.73 12.07
CA ALA A 138 -4.24 -25.36 13.49
C ALA A 138 -3.79 -26.67 14.19
N LEU A 139 -2.68 -26.64 14.88
CA LEU A 139 -2.20 -27.85 15.58
C LEU A 139 -3.04 -28.02 16.85
N ASP A 140 -3.54 -26.90 17.35
CA ASP A 140 -4.46 -26.82 18.47
C ASP A 140 -5.13 -25.45 18.45
N ASP A 141 -5.94 -25.09 19.45
CA ASP A 141 -6.59 -23.78 19.40
C ASP A 141 -5.57 -22.65 19.47
N HIS A 142 -4.37 -22.86 20.01
CA HIS A 142 -3.44 -21.72 20.11
C HIS A 142 -2.18 -21.91 19.31
N THR A 143 -2.22 -22.77 18.31
CA THR A 143 -1.01 -23.01 17.53
C THR A 143 -1.32 -23.07 16.04
N PHE A 144 -0.76 -22.13 15.29
CA PHE A 144 -0.97 -22.01 13.85
C PHE A 144 0.35 -22.36 13.16
N GLU A 145 0.30 -23.29 12.23
CA GLU A 145 1.47 -23.79 11.52
C GLU A 145 1.37 -23.57 10.02
N VAL A 146 2.35 -22.88 9.46
CA VAL A 146 2.32 -22.57 8.03
C VAL A 146 3.44 -23.33 7.35
N THR A 147 3.13 -23.98 6.25
CA THR A 147 4.12 -24.72 5.48
C THR A 147 4.32 -24.08 4.11
N LEU A 148 5.52 -23.63 3.82
CA LEU A 148 5.88 -23.02 2.56
C LEU A 148 6.53 -24.02 1.61
N SER A 149 6.46 -23.77 0.32
CA SER A 149 7.07 -24.66 -0.66
C SER A 149 8.55 -24.41 -0.86
N GLU A 150 9.12 -23.36 -0.27
CA GLU A 150 10.56 -23.11 -0.36
C GLU A 150 10.90 -22.16 0.79
N PRO A 151 12.17 -22.12 1.16
CA PRO A 151 12.64 -21.31 2.25
C PRO A 151 12.44 -19.83 1.91
N VAL A 152 11.83 -19.17 2.88
CA VAL A 152 11.57 -17.73 2.77
C VAL A 152 11.99 -17.09 4.08
N PRO A 153 13.24 -16.62 4.19
CA PRO A 153 13.75 -16.10 5.45
C PRO A 153 13.06 -14.89 5.99
N TYR A 154 12.46 -14.07 5.10
CA TYR A 154 11.70 -12.89 5.49
C TYR A 154 10.22 -13.14 5.64
N PHE A 155 9.72 -14.37 5.61
CA PHE A 155 8.30 -14.64 5.68
C PHE A 155 7.54 -13.89 6.77
N TYR A 156 8.04 -13.90 8.00
CA TYR A 156 7.31 -13.23 9.09
C TYR A 156 7.10 -11.76 8.85
N LYS A 157 7.95 -11.06 8.09
CA LYS A 157 7.77 -9.65 7.77
C LYS A 157 6.47 -9.42 7.04
N LEU A 158 6.00 -10.40 6.25
CA LEU A 158 4.73 -10.18 5.55
C LEU A 158 3.51 -10.14 6.44
N LEU A 159 3.55 -10.76 7.61
CA LEU A 159 2.38 -11.01 8.42
C LEU A 159 1.72 -9.87 9.16
N VAL A 160 2.19 -8.64 8.99
CA VAL A 160 1.52 -7.47 9.56
C VAL A 160 0.48 -6.96 8.54
N HIS A 161 0.45 -7.50 7.31
CA HIS A 161 -0.48 -6.94 6.31
C HIS A 161 -1.91 -7.31 6.57
N PRO A 162 -2.87 -6.44 6.32
CA PRO A 162 -4.29 -6.70 6.58
C PRO A 162 -4.84 -7.90 5.84
N SER A 163 -4.33 -8.29 4.67
CA SER A 163 -4.83 -9.46 3.97
C SER A 163 -4.63 -10.76 4.78
N VAL A 164 -3.71 -10.87 5.70
CA VAL A 164 -3.47 -12.03 6.53
C VAL A 164 -3.98 -11.85 7.97
N SER A 165 -4.94 -10.93 8.15
CA SER A 165 -5.63 -10.76 9.43
C SER A 165 -6.81 -11.72 9.47
N PRO A 166 -7.27 -12.11 10.64
CA PRO A 166 -8.39 -13.03 10.72
C PRO A 166 -9.70 -12.34 10.47
N VAL A 167 -10.66 -13.09 9.92
CA VAL A 167 -12.03 -12.61 9.76
C VAL A 167 -12.89 -13.63 10.53
N PRO A 168 -14.00 -13.17 11.08
CA PRO A 168 -14.87 -14.02 11.90
C PRO A 168 -15.83 -14.80 11.01
N LYS A 169 -15.58 -16.09 10.89
CA LYS A 169 -16.38 -16.99 10.04
C LYS A 169 -17.88 -16.94 10.28
N SER A 170 -18.36 -16.97 11.51
CA SER A 170 -19.83 -16.96 11.72
C SER A 170 -20.51 -15.72 11.19
N ALA A 171 -19.89 -14.55 11.31
CA ALA A 171 -20.48 -13.31 10.79
C ALA A 171 -20.44 -13.28 9.27
N VAL A 172 -19.32 -13.71 8.69
CA VAL A 172 -19.18 -13.77 7.25
C VAL A 172 -20.27 -14.68 6.66
N GLU A 173 -20.33 -15.87 7.22
CA GLU A 173 -21.31 -16.87 6.75
C GLU A 173 -22.74 -16.45 7.00
N LYS A 174 -23.02 -15.82 8.14
CA LYS A 174 -24.38 -15.40 8.39
C LYS A 174 -24.81 -14.18 7.60
N PHE A 175 -23.96 -13.13 7.48
CA PHE A 175 -24.40 -11.90 6.84
C PHE A 175 -23.80 -11.65 5.46
N GLY A 176 -22.94 -12.52 4.96
CA GLY A 176 -22.41 -12.36 3.61
C GLY A 176 -21.76 -11.00 3.48
N ASP A 177 -22.09 -10.22 2.45
CA ASP A 177 -21.43 -8.93 2.26
C ASP A 177 -21.87 -7.82 3.18
N LYS A 178 -22.78 -8.03 4.12
CA LYS A 178 -23.15 -7.02 5.09
C LYS A 178 -22.51 -7.36 6.43
N TRP A 179 -21.59 -8.34 6.46
CA TRP A 179 -20.92 -8.72 7.69
C TRP A 179 -20.17 -7.54 8.32
N THR A 180 -19.69 -6.57 7.57
CA THR A 180 -18.94 -5.43 8.09
C THR A 180 -19.81 -4.27 8.54
N GLN A 181 -21.13 -4.40 8.50
CA GLN A 181 -22.00 -3.33 9.00
C GLN A 181 -21.79 -3.32 10.50
N PRO A 182 -21.97 -2.19 11.14
CA PRO A 182 -21.76 -2.07 12.58
C PRO A 182 -22.63 -3.00 13.39
N ALA A 183 -23.87 -3.26 12.94
CA ALA A 183 -24.70 -4.18 13.76
C ALA A 183 -24.19 -5.60 13.70
N ASN A 184 -23.45 -5.98 12.64
CA ASN A 184 -23.00 -7.34 12.47
C ASN A 184 -21.54 -7.67 12.69
N ILE A 185 -20.68 -6.71 12.39
CA ILE A 185 -19.23 -7.01 12.44
C ILE A 185 -18.74 -7.38 13.81
N VAL A 186 -17.68 -8.16 13.86
CA VAL A 186 -16.93 -8.61 15.01
C VAL A 186 -15.45 -8.40 14.71
N THR A 187 -14.71 -7.76 15.61
CA THR A 187 -13.30 -7.41 15.33
C THR A 187 -12.33 -7.87 16.40
N ASN A 188 -11.03 -8.04 16.13
CA ASN A 188 -10.14 -8.49 17.21
C ASN A 188 -8.98 -7.52 17.42
N GLY A 189 -9.09 -6.35 16.77
CA GLY A 189 -8.00 -5.35 16.99
C GLY A 189 -8.35 -4.50 18.22
N ALA A 190 -7.61 -3.40 18.43
CA ALA A 190 -7.84 -2.54 19.60
C ALA A 190 -9.16 -1.79 19.62
N TYR A 191 -9.81 -1.65 18.48
CA TYR A 191 -11.04 -0.92 18.29
C TYR A 191 -12.16 -1.76 17.68
N LYS A 192 -13.38 -1.25 17.78
CA LYS A 192 -14.56 -1.90 17.23
C LYS A 192 -15.23 -0.86 16.35
N LEU A 193 -16.04 -1.33 15.40
CA LEU A 193 -16.69 -0.30 14.55
C LEU A 193 -17.95 0.25 15.23
N LYS A 194 -18.05 1.55 15.38
CA LYS A 194 -19.21 2.19 15.97
C LYS A 194 -20.17 2.73 14.91
N ASN A 195 -19.69 3.55 13.99
CA ASN A 195 -20.51 4.17 12.96
C ASN A 195 -19.78 4.12 11.60
N TRP A 196 -20.55 4.01 10.55
CA TRP A 196 -19.98 4.01 9.19
C TRP A 196 -20.99 4.72 8.27
N VAL A 197 -20.73 5.99 8.02
CA VAL A 197 -21.55 6.78 7.12
C VAL A 197 -20.73 7.04 5.85
N VAL A 198 -21.18 6.40 4.78
CA VAL A 198 -20.48 6.52 3.49
C VAL A 198 -20.33 7.97 3.09
N ASN A 199 -19.07 8.33 2.73
CA ASN A 199 -18.69 9.64 2.30
C ASN A 199 -18.83 10.67 3.40
N GLU A 200 -18.87 10.25 4.67
CA GLU A 200 -18.95 11.22 5.75
C GLU A 200 -17.92 10.84 6.81
N ARG A 201 -18.07 9.66 7.41
CA ARG A 201 -17.09 9.32 8.44
C ARG A 201 -17.18 7.86 8.82
N ILE A 202 -16.07 7.40 9.42
CA ILE A 202 -16.02 6.07 10.03
C ILE A 202 -15.61 6.35 11.48
N VAL A 203 -16.40 5.85 12.44
CA VAL A 203 -16.04 6.12 13.85
C VAL A 203 -15.79 4.79 14.56
N LEU A 204 -14.64 4.65 15.21
CA LEU A 204 -14.28 3.42 15.90
C LEU A 204 -14.22 3.69 17.41
N GLU A 205 -14.55 2.68 18.21
CA GLU A 205 -14.50 2.91 19.66
C GLU A 205 -13.65 1.78 20.25
N ARG A 206 -12.98 2.08 21.34
CA ARG A 206 -12.17 1.07 22.00
C ARG A 206 -12.86 -0.28 22.12
N ASN A 207 -12.09 -1.34 21.91
CA ASN A 207 -12.59 -2.71 22.05
C ASN A 207 -12.11 -3.24 23.39
N PRO A 208 -12.98 -3.31 24.40
CA PRO A 208 -12.56 -3.76 25.72
C PRO A 208 -12.11 -5.21 25.76
N GLN A 209 -12.40 -6.03 24.77
CA GLN A 209 -11.96 -7.42 24.74
C GLN A 209 -10.56 -7.57 24.17
N TYR A 210 -10.04 -6.51 23.54
CA TYR A 210 -8.68 -6.59 22.99
C TYR A 210 -7.75 -7.07 24.10
N TRP A 211 -6.89 -8.05 23.85
CA TRP A 211 -5.95 -8.54 24.84
C TRP A 211 -5.06 -7.46 25.44
N ASP A 212 -4.65 -6.46 24.66
CA ASP A 212 -3.79 -5.41 25.19
C ASP A 212 -4.54 -4.13 25.50
N ASN A 213 -5.84 -4.20 25.76
CA ASN A 213 -6.70 -3.07 26.02
C ASN A 213 -6.25 -2.18 27.15
N ALA A 214 -5.64 -2.74 28.21
CA ALA A 214 -5.17 -1.89 29.30
C ALA A 214 -4.18 -0.84 28.80
N LYS A 215 -3.42 -1.08 27.72
CA LYS A 215 -2.49 -0.07 27.22
C LYS A 215 -3.10 0.88 26.19
N THR A 216 -4.30 0.62 25.74
CA THR A 216 -4.97 1.51 24.80
C THR A 216 -5.37 2.81 25.54
N VAL A 217 -5.15 3.96 24.92
CA VAL A 217 -5.43 5.26 25.50
C VAL A 217 -6.56 5.96 24.77
N ILE A 218 -6.51 6.05 23.44
CA ILE A 218 -7.55 6.74 22.67
C ILE A 218 -8.86 5.94 22.77
N ASN A 219 -9.96 6.57 23.19
CA ASN A 219 -11.22 5.87 23.32
C ASN A 219 -12.02 5.85 22.04
N GLN A 220 -11.75 6.80 21.12
CA GLN A 220 -12.56 6.93 19.90
C GLN A 220 -11.72 7.60 18.82
N VAL A 221 -11.74 6.98 17.64
CA VAL A 221 -10.99 7.65 16.54
C VAL A 221 -11.97 7.72 15.36
N THR A 222 -12.00 8.86 14.68
CA THR A 222 -12.87 9.04 13.52
C THR A 222 -11.96 9.13 12.29
N TYR A 223 -12.32 8.38 11.25
CA TYR A 223 -11.55 8.47 10.00
C TYR A 223 -12.42 9.21 8.99
N LEU A 224 -11.96 10.29 8.36
CA LEU A 224 -12.73 11.01 7.37
C LEU A 224 -12.27 10.65 5.94
N PRO A 225 -13.12 10.87 4.96
CA PRO A 225 -12.84 10.48 3.58
C PRO A 225 -12.59 11.64 2.66
N ILE A 226 -11.82 12.63 3.09
CA ILE A 226 -11.61 13.89 2.34
C ILE A 226 -10.47 13.75 1.32
N SER A 227 -10.79 13.81 0.03
CA SER A 227 -9.76 13.61 -0.99
C SER A 227 -9.11 14.91 -1.40
N SER A 228 -9.76 16.06 -1.08
CA SER A 228 -9.11 17.33 -1.33
C SER A 228 -8.06 17.57 -0.24
N GLU A 229 -6.78 17.61 -0.60
CA GLU A 229 -5.72 17.86 0.38
C GLU A 229 -5.84 19.28 0.93
N VAL A 230 -6.38 20.22 0.13
CA VAL A 230 -6.58 21.59 0.62
C VAL A 230 -7.63 21.58 1.74
N THR A 231 -8.73 20.87 1.50
CA THR A 231 -9.79 20.83 2.51
C THR A 231 -9.31 20.15 3.77
N ASP A 232 -8.51 19.09 3.61
CA ASP A 232 -7.94 18.39 4.77
C ASP A 232 -7.11 19.35 5.62
N VAL A 233 -6.19 20.09 4.99
CA VAL A 233 -5.42 21.07 5.73
C VAL A 233 -6.33 22.14 6.36
N ASN A 234 -7.34 22.58 5.62
CA ASN A 234 -8.24 23.60 6.21
C ASN A 234 -8.91 23.07 7.45
N ARG A 235 -9.45 21.85 7.44
CA ARG A 235 -10.14 21.32 8.61
C ARG A 235 -9.16 20.88 9.68
N TYR A 236 -7.89 20.68 9.36
CA TYR A 236 -6.89 20.46 10.40
C TYR A 236 -6.66 21.83 11.08
N ARG A 237 -6.41 22.89 10.30
CA ARG A 237 -6.12 24.18 10.92
C ARG A 237 -7.33 24.81 11.57
N SER A 238 -8.54 24.43 11.22
CA SER A 238 -9.74 24.94 11.89
C SER A 238 -9.91 24.29 13.26
N GLY A 239 -9.22 23.16 13.49
CA GLY A 239 -9.32 22.48 14.77
C GLY A 239 -10.05 21.14 14.68
N GLU A 240 -10.76 20.89 13.59
CA GLU A 240 -11.52 19.62 13.52
C GLU A 240 -10.66 18.36 13.37
N ILE A 241 -9.58 18.47 12.61
CA ILE A 241 -8.71 17.30 12.31
C ILE A 241 -7.41 17.36 13.08
N ASP A 242 -7.06 16.24 13.72
CA ASP A 242 -5.85 16.11 14.50
C ASP A 242 -4.68 15.64 13.64
N MET A 243 -4.94 14.81 12.64
CA MET A 243 -3.87 14.30 11.77
C MET A 243 -4.34 14.31 10.33
N THR A 244 -3.69 15.07 9.42
CA THR A 244 -4.17 15.02 8.05
C THR A 244 -3.79 13.65 7.45
N TYR A 245 -4.30 13.43 6.23
CA TYR A 245 -3.85 12.25 5.49
C TYR A 245 -2.47 12.64 5.00
N ASN A 246 -1.66 11.72 4.49
CA ASN A 246 -0.31 12.04 4.07
C ASN A 246 -0.21 12.27 2.58
N ASN A 247 -1.01 13.20 2.08
CA ASN A 247 -0.94 13.73 0.72
C ASN A 247 -1.02 15.25 0.99
N MET A 248 -0.04 16.05 0.64
CA MET A 248 -0.11 17.48 0.96
C MET A 248 -0.40 18.31 -0.30
N PRO A 249 -1.16 19.38 -0.16
CA PRO A 249 -1.54 20.21 -1.28
C PRO A 249 -0.43 21.10 -1.81
N ILE A 250 -0.32 21.18 -3.12
CA ILE A 250 0.67 22.08 -3.75
C ILE A 250 0.31 23.52 -3.39
N GLU A 251 -0.99 23.85 -3.36
CA GLU A 251 -1.35 25.21 -3.01
C GLU A 251 -0.73 25.76 -1.72
N LEU A 252 -0.74 24.97 -0.65
CA LEU A 252 -0.34 25.46 0.67
C LEU A 252 0.93 25.00 1.34
N PHE A 253 1.55 23.90 0.92
CA PHE A 253 2.69 23.33 1.61
C PHE A 253 3.85 24.26 1.95
N GLN A 254 4.26 25.07 0.96
CA GLN A 254 5.42 25.92 1.24
C GLN A 254 5.08 26.85 2.41
N LYS A 255 3.90 27.44 2.42
CA LYS A 255 3.38 28.33 3.43
C LYS A 255 3.32 27.60 4.78
N LEU A 256 2.80 26.36 4.75
CA LEU A 256 2.68 25.59 5.99
C LEU A 256 4.00 25.32 6.67
N LYS A 257 5.03 25.03 5.87
CA LYS A 257 6.34 24.80 6.43
C LYS A 257 6.86 26.05 7.17
N LYS A 258 6.50 27.24 6.68
CA LYS A 258 7.01 28.42 7.38
C LYS A 258 6.08 28.79 8.52
N GLU A 259 4.79 28.49 8.39
CA GLU A 259 3.86 28.86 9.45
C GLU A 259 3.82 27.89 10.60
N ILE A 260 3.81 26.56 10.36
CA ILE A 260 3.73 25.61 11.48
C ILE A 260 4.74 24.49 11.31
N PRO A 261 6.02 24.84 11.27
CA PRO A 261 7.11 23.93 11.05
C PRO A 261 7.14 22.69 11.91
N ASN A 262 6.85 22.82 13.18
CA ASN A 262 6.81 21.72 14.13
C ASN A 262 5.64 20.77 13.89
N GLU A 263 4.63 21.17 13.15
CA GLU A 263 3.50 20.26 12.87
C GLU A 263 3.64 19.53 11.55
N VAL A 264 4.52 19.99 10.66
CA VAL A 264 4.79 19.46 9.36
C VAL A 264 5.80 18.33 9.50
N ARG A 265 5.25 17.11 9.50
CA ARG A 265 6.11 15.94 9.69
C ARG A 265 6.52 15.42 8.32
N VAL A 266 7.81 15.25 8.09
CA VAL A 266 8.32 14.76 6.80
C VAL A 266 9.30 13.65 7.08
N ASP A 267 8.97 12.41 6.73
CA ASP A 267 9.86 11.27 7.04
C ASP A 267 9.97 10.34 5.84
N PRO A 268 10.97 9.49 5.85
CA PRO A 268 11.17 8.53 4.77
C PRO A 268 9.95 7.65 4.62
N TYR A 269 9.70 7.25 3.39
CA TYR A 269 8.49 6.43 3.12
C TYR A 269 8.78 5.49 1.96
N LEU A 270 8.49 4.22 2.11
CA LEU A 270 8.83 3.27 1.03
C LEU A 270 7.73 3.17 -0.02
N CYS A 271 7.53 4.26 -0.76
CA CYS A 271 6.47 4.28 -1.78
C CYS A 271 6.98 4.96 -3.07
N THR A 272 6.43 4.56 -4.18
CA THR A 272 6.86 5.15 -5.45
C THR A 272 5.67 5.72 -6.19
N TYR A 273 5.82 6.96 -6.65
CA TYR A 273 4.74 7.58 -7.45
C TYR A 273 5.10 7.33 -8.91
N TYR A 274 4.19 6.84 -9.74
CA TYR A 274 4.53 6.56 -11.13
C TYR A 274 3.29 6.66 -12.00
N TYR A 275 3.47 6.68 -13.32
CA TYR A 275 2.31 6.64 -14.20
C TYR A 275 2.33 5.18 -14.70
N GLU A 276 1.26 4.48 -14.36
CA GLU A 276 1.04 3.11 -14.74
C GLU A 276 0.48 3.03 -16.17
N ILE A 277 1.20 2.32 -17.03
CA ILE A 277 0.78 2.18 -18.44
C ILE A 277 0.04 0.86 -18.55
N ASN A 278 -1.05 0.82 -19.31
CA ASN A 278 -1.78 -0.43 -19.51
C ASN A 278 -1.05 -1.16 -20.63
N ASN A 279 -0.18 -2.10 -20.22
CA ASN A 279 0.70 -2.78 -21.15
C ASN A 279 -0.02 -3.67 -22.16
N GLN A 280 -1.25 -4.07 -21.94
CA GLN A 280 -1.94 -4.96 -22.85
C GLN A 280 -2.78 -4.23 -23.91
N LYS A 281 -2.82 -2.92 -23.89
CA LYS A 281 -3.65 -2.20 -24.84
C LYS A 281 -2.87 -1.30 -25.79
N ALA A 282 -3.15 -1.55 -27.09
CA ALA A 282 -2.52 -0.73 -28.12
C ALA A 282 -3.00 0.70 -27.95
N PRO A 283 -2.14 1.66 -28.20
CA PRO A 283 -0.77 1.42 -28.64
C PRO A 283 0.28 1.29 -27.54
N PHE A 284 -0.18 1.09 -26.30
CA PHE A 284 0.76 0.98 -25.18
C PHE A 284 1.43 -0.38 -25.09
N ASN A 285 1.13 -1.30 -26.01
CA ASN A 285 1.78 -2.60 -26.05
C ASN A 285 3.05 -2.49 -26.89
N ASP A 286 3.36 -1.30 -27.37
CA ASP A 286 4.53 -1.02 -28.15
C ASP A 286 5.57 -0.44 -27.20
N VAL A 287 6.72 -1.09 -27.03
CA VAL A 287 7.75 -0.56 -26.14
C VAL A 287 8.22 0.84 -26.49
N ARG A 288 8.24 1.20 -27.79
CA ARG A 288 8.68 2.53 -28.20
C ARG A 288 7.80 3.63 -27.60
N VAL A 289 6.51 3.42 -27.59
CA VAL A 289 5.56 4.38 -27.03
C VAL A 289 5.75 4.47 -25.53
N ARG A 290 5.87 3.32 -24.85
CA ARG A 290 6.05 3.39 -23.39
C ARG A 290 7.37 4.06 -23.06
N THR A 291 8.46 3.76 -23.76
CA THR A 291 9.75 4.37 -23.52
C THR A 291 9.75 5.87 -23.72
N ALA A 292 9.08 6.35 -24.78
CA ALA A 292 8.96 7.76 -25.10
C ALA A 292 8.26 8.54 -24.00
N LEU A 293 7.13 7.98 -23.53
CA LEU A 293 6.44 8.61 -22.41
C LEU A 293 7.34 8.69 -21.18
N LYS A 294 8.02 7.59 -20.89
CA LYS A 294 8.90 7.55 -19.70
C LYS A 294 10.00 8.57 -19.77
N LEU A 295 10.69 8.64 -20.94
CA LEU A 295 11.80 9.58 -21.05
C LEU A 295 11.43 11.05 -21.15
N ALA A 296 10.33 11.39 -21.80
CA ALA A 296 9.93 12.78 -22.00
C ALA A 296 9.38 13.46 -20.77
N LEU A 297 8.94 12.64 -19.79
CA LEU A 297 8.46 13.26 -18.55
C LEU A 297 9.65 13.91 -17.87
N ASP A 298 9.65 15.17 -17.49
CA ASP A 298 10.75 15.84 -16.84
C ASP A 298 10.61 15.79 -15.32
N ARG A 299 11.29 14.81 -14.70
CA ARG A 299 11.18 14.62 -13.25
C ARG A 299 11.65 15.81 -12.43
N ASP A 300 12.71 16.48 -12.93
CA ASP A 300 13.19 17.64 -12.16
C ASP A 300 12.10 18.70 -12.12
N ILE A 301 11.39 18.97 -13.20
CA ILE A 301 10.32 19.98 -13.12
C ILE A 301 9.24 19.55 -12.14
N ILE A 302 8.76 18.32 -12.33
CA ILE A 302 7.70 17.82 -11.45
C ILE A 302 8.10 17.77 -9.99
N VAL A 303 9.23 17.12 -9.71
CA VAL A 303 9.68 16.98 -8.34
C VAL A 303 10.16 18.23 -7.64
N ASN A 304 11.08 18.99 -8.27
CA ASN A 304 11.59 20.16 -7.54
C ASN A 304 10.92 21.45 -7.94
N LYS A 305 10.22 21.51 -9.05
CA LYS A 305 9.57 22.77 -9.40
C LYS A 305 8.07 22.74 -9.11
N VAL A 306 7.31 21.77 -9.62
CA VAL A 306 5.88 21.85 -9.36
C VAL A 306 5.49 21.32 -7.98
N LYS A 307 6.19 20.35 -7.43
CA LYS A 307 5.82 19.80 -6.12
C LYS A 307 6.67 20.36 -5.00
N ASN A 308 7.96 20.12 -5.01
CA ASN A 308 8.95 20.55 -4.06
C ASN A 308 8.63 20.31 -2.59
N GLN A 309 8.36 19.04 -2.25
CA GLN A 309 8.02 18.68 -0.88
C GLN A 309 9.05 17.73 -0.28
N GLY A 310 10.16 17.49 -0.98
CA GLY A 310 11.22 16.61 -0.50
C GLY A 310 11.27 15.27 -1.25
N ASP A 311 10.39 15.04 -2.22
CA ASP A 311 10.43 13.78 -2.97
C ASP A 311 11.69 13.68 -3.83
N LEU A 312 12.05 12.46 -4.22
CA LEU A 312 13.25 12.28 -5.03
C LEU A 312 12.89 11.74 -6.39
N PRO A 313 13.48 12.28 -7.44
CA PRO A 313 13.25 11.78 -8.80
C PRO A 313 13.52 10.29 -8.86
N ALA A 314 12.63 9.53 -9.52
CA ALA A 314 12.67 8.09 -9.59
C ALA A 314 13.05 7.52 -10.94
N TYR A 315 13.78 6.41 -10.91
CA TYR A 315 14.20 5.74 -12.14
C TYR A 315 13.92 4.26 -12.05
N SER A 316 13.23 3.83 -10.98
CA SER A 316 12.87 2.44 -10.77
C SER A 316 11.49 2.33 -10.09
N TYR A 317 10.99 1.13 -9.92
CA TYR A 317 9.75 0.84 -9.22
C TYR A 317 10.06 0.66 -7.73
N THR A 318 10.95 -0.29 -7.43
CA THR A 318 11.37 -0.45 -6.03
C THR A 318 12.15 0.80 -5.58
N PRO A 319 11.81 1.41 -4.46
CA PRO A 319 12.55 2.57 -3.96
C PRO A 319 13.96 2.07 -3.63
N PRO A 320 15.02 2.83 -3.93
CA PRO A 320 16.38 2.35 -3.72
C PRO A 320 16.81 2.16 -2.29
N TYR A 321 16.05 2.67 -1.36
CA TYR A 321 16.36 2.59 0.07
C TYR A 321 15.56 1.48 0.73
N THR A 322 14.90 0.66 -0.09
CA THR A 322 14.22 -0.53 0.48
C THR A 322 15.31 -1.46 1.02
N ASP A 323 15.08 -2.12 2.14
CA ASP A 323 16.06 -3.05 2.69
C ASP A 323 16.36 -4.16 1.71
N GLY A 324 17.58 -4.29 1.21
CA GLY A 324 17.94 -5.31 0.23
C GLY A 324 18.01 -4.77 -1.20
N ALA A 325 17.71 -3.49 -1.41
CA ALA A 325 17.79 -2.92 -2.74
C ALA A 325 19.20 -2.36 -3.00
N LYS A 326 19.79 -2.83 -4.09
CA LYS A 326 21.11 -2.37 -4.51
C LYS A 326 20.99 -2.15 -6.03
N LEU A 327 20.24 -1.09 -6.35
CA LEU A 327 19.85 -0.84 -7.73
C LEU A 327 20.89 -0.12 -8.57
N VAL A 328 20.85 -0.45 -9.87
CA VAL A 328 21.71 0.19 -10.84
C VAL A 328 20.92 1.29 -11.55
N GLU A 329 21.30 2.53 -11.38
CA GLU A 329 20.65 3.69 -12.01
C GLU A 329 20.91 3.65 -13.50
N PRO A 330 19.87 3.55 -14.31
CA PRO A 330 20.01 3.48 -15.76
C PRO A 330 20.67 4.72 -16.33
N GLU A 331 21.35 4.55 -17.47
CA GLU A 331 22.06 5.65 -18.12
C GLU A 331 21.11 6.75 -18.56
N TRP A 332 19.88 6.46 -19.00
CA TRP A 332 18.95 7.53 -19.35
C TRP A 332 18.68 8.52 -18.24
N PHE A 333 18.79 8.14 -16.98
CA PHE A 333 18.51 9.01 -15.85
C PHE A 333 19.56 10.09 -15.67
N LYS A 334 20.78 9.86 -16.12
CA LYS A 334 21.90 10.79 -16.03
C LYS A 334 21.99 11.72 -17.24
N TRP A 335 21.30 11.39 -18.32
CA TRP A 335 21.29 12.20 -19.51
C TRP A 335 20.67 13.58 -19.22
N SER A 336 20.64 14.43 -20.26
CA SER A 336 19.99 15.73 -20.07
C SER A 336 18.53 15.51 -20.42
N GLN A 337 17.60 16.37 -20.00
CA GLN A 337 16.19 16.17 -20.43
C GLN A 337 16.07 16.34 -21.93
N GLN A 338 16.90 17.22 -22.49
CA GLN A 338 16.99 17.47 -23.92
C GLN A 338 17.32 16.20 -24.68
N LYS A 339 18.34 15.47 -24.18
CA LYS A 339 18.68 14.19 -24.79
C LYS A 339 17.56 13.18 -24.59
N ARG A 340 16.90 13.19 -23.43
CA ARG A 340 15.75 12.27 -23.28
C ARG A 340 14.66 12.64 -24.29
N ASN A 341 14.40 13.94 -24.42
CA ASN A 341 13.33 14.37 -25.34
C ASN A 341 13.58 13.92 -26.77
N GLU A 342 14.79 14.08 -27.29
CA GLU A 342 15.10 13.69 -28.68
C GLU A 342 14.88 12.21 -28.85
N GLU A 343 15.38 11.42 -27.88
CA GLU A 343 15.17 9.96 -27.97
C GLU A 343 13.69 9.62 -28.01
N ALA A 344 12.88 10.24 -27.14
CA ALA A 344 11.45 10.02 -27.08
C ALA A 344 10.75 10.35 -28.39
N LYS A 345 11.05 11.56 -28.89
CA LYS A 345 10.48 12.00 -30.16
C LYS A 345 10.87 11.00 -31.26
N LYS A 346 12.15 10.65 -31.31
CA LYS A 346 12.61 9.67 -32.29
C LYS A 346 11.81 8.39 -32.21
N LEU A 347 11.60 7.82 -31.03
CA LEU A 347 10.84 6.59 -30.86
C LEU A 347 9.38 6.70 -31.28
N LEU A 348 8.72 7.83 -30.96
CA LEU A 348 7.34 7.98 -31.37
C LEU A 348 7.24 8.14 -32.89
N ALA A 349 8.23 8.82 -33.49
CA ALA A 349 8.20 8.92 -34.97
C ALA A 349 8.42 7.52 -35.53
N GLU A 350 9.32 6.72 -34.94
CA GLU A 350 9.49 5.34 -35.38
C GLU A 350 8.21 4.55 -35.20
N ALA A 351 7.41 4.80 -34.15
CA ALA A 351 6.17 4.08 -33.91
C ALA A 351 5.01 4.48 -34.80
N GLY A 352 5.22 5.43 -35.69
CA GLY A 352 4.24 5.87 -36.66
C GLY A 352 3.48 7.13 -36.31
N PHE A 353 3.88 7.88 -35.29
CA PHE A 353 3.12 9.07 -34.95
C PHE A 353 3.70 10.32 -35.60
N THR A 354 2.81 11.18 -36.05
CA THR A 354 3.15 12.41 -36.75
C THR A 354 2.40 13.62 -36.21
N ALA A 355 2.70 14.82 -36.70
CA ALA A 355 1.93 16.00 -36.31
C ALA A 355 0.47 15.81 -36.71
N ASP A 356 0.21 15.24 -37.88
CA ASP A 356 -1.10 15.00 -38.43
C ASP A 356 -1.88 13.87 -37.76
N LYS A 357 -1.22 12.85 -37.24
CA LYS A 357 -1.88 11.73 -36.55
C LYS A 357 -1.10 11.52 -35.25
N PRO A 358 -1.30 12.42 -34.28
CA PRO A 358 -0.52 12.40 -33.05
C PRO A 358 -0.96 11.35 -32.07
N LEU A 359 -0.23 11.22 -30.96
CA LEU A 359 -0.66 10.22 -29.97
C LEU A 359 -1.55 10.94 -28.95
N THR A 360 -2.76 10.41 -28.80
CA THR A 360 -3.72 10.98 -27.86
C THR A 360 -4.32 9.87 -27.02
N PHE A 361 -4.34 10.10 -25.69
CA PHE A 361 -4.86 9.08 -24.80
C PHE A 361 -5.35 9.64 -23.46
N ASP A 362 -6.01 8.81 -22.65
CA ASP A 362 -6.48 9.27 -21.35
C ASP A 362 -5.47 9.19 -20.20
N LEU A 363 -5.54 10.10 -19.25
CA LEU A 363 -4.67 10.06 -18.07
C LEU A 363 -5.65 10.04 -16.88
N LEU A 364 -5.79 8.86 -16.33
CA LEU A 364 -6.75 8.62 -15.25
C LEU A 364 -6.15 8.83 -13.89
N TYR A 365 -6.87 9.52 -13.00
CA TYR A 365 -6.27 9.74 -11.67
C TYR A 365 -7.40 9.75 -10.66
N ASN A 366 -7.08 9.43 -9.41
CA ASN A 366 -8.11 9.44 -8.39
C ASN A 366 -8.29 10.87 -7.86
N THR A 367 -9.53 11.31 -7.78
CA THR A 367 -9.92 12.64 -7.32
C THR A 367 -9.02 13.14 -6.22
N SER A 368 -8.34 14.24 -6.50
CA SER A 368 -7.35 14.80 -5.58
C SER A 368 -6.80 16.10 -6.11
N ASP A 369 -6.57 17.05 -5.23
CA ASP A 369 -5.97 18.31 -5.62
C ASP A 369 -4.54 18.04 -6.11
N LEU A 370 -3.78 17.33 -5.28
CA LEU A 370 -2.42 16.97 -5.63
C LEU A 370 -2.31 16.19 -6.94
N HIS A 371 -3.09 15.12 -7.15
CA HIS A 371 -2.92 14.35 -8.38
C HIS A 371 -3.38 15.15 -9.61
N LYS A 372 -4.41 15.96 -9.45
CA LYS A 372 -4.88 16.78 -10.56
C LYS A 372 -3.79 17.78 -10.98
N LYS A 373 -3.21 18.48 -9.99
CA LYS A 373 -2.12 19.41 -10.33
C LYS A 373 -0.93 18.72 -10.98
N LEU A 374 -0.47 17.57 -10.46
CA LEU A 374 0.57 16.81 -11.11
C LEU A 374 0.14 16.29 -12.48
N ALA A 375 -1.09 15.83 -12.69
CA ALA A 375 -1.48 15.35 -14.01
C ALA A 375 -1.52 16.50 -15.04
N ILE A 376 -1.98 17.67 -14.63
CA ILE A 376 -1.98 18.81 -15.56
C ILE A 376 -0.55 19.17 -15.96
N ALA A 377 0.38 19.19 -15.01
CA ALA A 377 1.78 19.51 -15.31
C ALA A 377 2.38 18.46 -16.22
N VAL A 378 2.05 17.20 -16.00
CA VAL A 378 2.55 16.11 -16.82
C VAL A 378 2.01 16.21 -18.22
N ALA A 379 0.73 16.55 -18.33
CA ALA A 379 0.09 16.75 -19.62
C ALA A 379 0.78 17.83 -20.47
N SER A 380 1.11 18.93 -19.83
CA SER A 380 1.80 20.05 -20.47
C SER A 380 3.24 19.70 -20.83
N ILE A 381 3.92 18.98 -19.94
CA ILE A 381 5.30 18.54 -20.22
C ILE A 381 5.32 17.61 -21.41
N TRP A 382 4.44 16.61 -21.42
CA TRP A 382 4.35 15.65 -22.51
C TRP A 382 3.93 16.35 -23.81
N LYS A 383 3.04 17.34 -23.71
CA LYS A 383 2.64 18.07 -24.92
C LYS A 383 3.84 18.82 -25.48
N LYS A 384 4.51 19.59 -24.63
CA LYS A 384 5.66 20.39 -25.03
C LYS A 384 6.88 19.59 -25.46
N ASN A 385 7.21 18.53 -24.72
CA ASN A 385 8.39 17.75 -24.99
C ASN A 385 8.17 16.66 -26.02
N LEU A 386 6.92 16.20 -26.19
CA LEU A 386 6.74 15.09 -27.12
C LEU A 386 5.61 15.25 -28.11
N GLY A 387 4.83 16.33 -28.05
CA GLY A 387 3.69 16.51 -28.96
C GLY A 387 2.53 15.56 -28.67
N VAL A 388 2.43 15.00 -27.46
CA VAL A 388 1.33 14.07 -27.21
C VAL A 388 0.18 14.80 -26.50
N ASN A 389 -1.03 14.37 -26.80
CA ASN A 389 -2.22 14.98 -26.22
C ASN A 389 -2.86 14.07 -25.17
N VAL A 390 -3.12 14.59 -23.96
CA VAL A 390 -3.77 13.69 -23.00
C VAL A 390 -5.09 14.27 -22.50
N ASN A 391 -6.07 13.42 -22.25
CA ASN A 391 -7.35 13.80 -21.70
C ASN A 391 -7.38 13.30 -20.24
N LEU A 392 -7.41 14.26 -19.34
CA LEU A 392 -7.40 13.95 -17.93
C LEU A 392 -8.77 13.44 -17.52
N GLU A 393 -8.76 12.41 -16.66
CA GLU A 393 -10.03 11.90 -16.14
C GLU A 393 -9.86 11.57 -14.65
N ASN A 394 -10.75 12.08 -13.79
CA ASN A 394 -10.68 11.76 -12.37
C ASN A 394 -11.77 10.76 -12.05
N GLN A 395 -11.53 9.86 -11.07
CA GLN A 395 -12.52 8.90 -10.62
C GLN A 395 -12.37 8.76 -9.10
N GLU A 396 -13.45 8.55 -8.36
CA GLU A 396 -13.27 8.36 -6.91
C GLU A 396 -12.42 7.13 -6.63
N TRP A 397 -11.73 7.05 -5.50
CA TRP A 397 -10.82 5.96 -5.17
C TRP A 397 -11.24 4.55 -5.45
N LYS A 398 -12.36 4.07 -4.90
CA LYS A 398 -12.79 2.70 -5.16
C LYS A 398 -13.02 2.40 -6.63
N THR A 399 -13.69 3.31 -7.33
CA THR A 399 -13.92 3.10 -8.78
C THR A 399 -12.64 3.08 -9.58
N PHE A 400 -11.71 3.98 -9.26
CA PHE A 400 -10.38 4.09 -9.85
C PHE A 400 -9.60 2.79 -9.74
N LEU A 401 -9.57 2.17 -8.55
CA LEU A 401 -8.85 0.90 -8.43
C LEU A 401 -9.52 -0.18 -9.29
N ASP A 402 -10.86 -0.22 -9.31
CA ASP A 402 -11.59 -1.17 -10.14
C ASP A 402 -11.29 -0.98 -11.63
N THR A 403 -11.21 0.25 -12.11
CA THR A 403 -10.86 0.51 -13.51
C THR A 403 -9.49 -0.06 -13.86
N ARG A 404 -8.50 0.16 -13.00
CA ARG A 404 -7.14 -0.35 -13.25
C ARG A 404 -7.17 -1.87 -13.24
N HIS A 405 -7.85 -2.52 -12.31
CA HIS A 405 -7.95 -3.98 -12.37
C HIS A 405 -8.64 -4.41 -13.66
N GLN A 406 -9.69 -3.71 -14.08
CA GLN A 406 -10.36 -4.03 -15.32
C GLN A 406 -9.52 -3.86 -16.58
N GLY A 407 -8.48 -3.01 -16.58
CA GLY A 407 -7.69 -2.87 -17.80
C GLY A 407 -8.65 -2.31 -18.87
N THR A 408 -9.54 -1.04 -18.12
CA THR A 408 -10.24 -0.09 -18.98
C THR A 408 -9.61 1.28 -18.91
N PHE A 409 -8.12 0.98 -19.49
CA PHE A 409 -7.64 2.35 -19.36
C PHE A 409 -6.43 2.46 -20.26
N ASP A 410 -5.87 3.66 -20.34
CA ASP A 410 -4.70 3.92 -21.15
C ASP A 410 -3.52 4.09 -20.18
N VAL A 411 -3.49 5.26 -19.52
CA VAL A 411 -2.43 5.53 -18.55
C VAL A 411 -3.12 5.95 -17.25
N ALA A 412 -2.60 5.53 -16.11
CA ALA A 412 -3.18 5.95 -14.86
C ALA A 412 -2.11 6.41 -13.87
N ARG A 413 -2.48 7.41 -13.10
CA ARG A 413 -1.67 7.90 -12.01
C ARG A 413 -1.56 6.73 -11.03
N ALA A 414 -0.43 6.52 -10.35
CA ALA A 414 -0.36 5.39 -9.45
C ALA A 414 0.69 5.58 -8.35
N GLY A 415 0.53 4.75 -7.32
CA GLY A 415 1.51 4.79 -6.24
C GLY A 415 1.48 3.43 -5.54
N TRP A 416 2.65 2.87 -5.29
CA TRP A 416 2.70 1.59 -4.56
C TRP A 416 3.55 1.82 -3.32
N CYS A 417 3.09 1.39 -2.15
CA CYS A 417 3.82 1.45 -0.91
C CYS A 417 4.08 0.03 -0.41
N ALA A 418 5.28 -0.19 0.09
CA ALA A 418 5.68 -1.52 0.55
C ALA A 418 4.75 -2.07 1.63
N ASP A 419 4.53 -3.39 1.57
CA ASP A 419 3.74 -4.04 2.61
C ASP A 419 4.71 -4.66 3.62
N TYR A 420 5.92 -4.95 3.18
CA TYR A 420 6.98 -5.49 4.01
C TYR A 420 8.27 -4.91 3.42
N ASN A 421 9.27 -4.60 4.25
CA ASN A 421 10.48 -3.95 3.75
C ASN A 421 11.49 -4.89 3.11
N GLU A 422 11.25 -5.21 1.84
CA GLU A 422 12.11 -6.18 1.09
C GLU A 422 11.68 -5.93 -0.33
N PRO A 423 12.60 -5.93 -1.31
CA PRO A 423 12.29 -5.64 -2.69
C PRO A 423 11.15 -6.42 -3.33
N THR A 424 10.91 -7.67 -2.96
CA THR A 424 9.79 -8.43 -3.54
C THR A 424 8.44 -7.83 -3.19
N SER A 425 8.29 -7.04 -2.13
CA SER A 425 7.02 -6.40 -1.84
C SER A 425 6.61 -5.51 -3.00
N PHE A 426 7.58 -4.95 -3.71
CA PHE A 426 7.33 -4.24 -4.96
C PHE A 426 7.35 -5.20 -6.15
N LEU A 427 8.47 -5.92 -6.32
CA LEU A 427 8.67 -6.74 -7.53
C LEU A 427 7.65 -7.82 -7.79
N ASN A 428 7.10 -8.43 -6.75
CA ASN A 428 6.09 -9.48 -6.93
C ASN A 428 4.81 -8.98 -7.59
N THR A 429 4.55 -7.66 -7.49
CA THR A 429 3.33 -7.12 -8.09
C THR A 429 3.46 -7.04 -9.62
N MET A 430 4.65 -7.15 -10.20
CA MET A 430 4.77 -7.13 -11.66
C MET A 430 4.88 -8.54 -12.26
N LEU A 431 4.76 -9.58 -11.47
CA LEU A 431 4.68 -10.96 -11.93
C LEU A 431 3.43 -11.10 -12.80
N SER A 432 3.53 -11.84 -13.90
CA SER A 432 2.46 -12.06 -14.85
C SER A 432 1.13 -12.39 -14.23
N ASP A 433 1.11 -13.34 -13.30
CA ASP A 433 -0.12 -13.76 -12.66
C ASP A 433 -0.44 -13.03 -11.36
N SER A 434 0.21 -11.93 -10.99
CA SER A 434 -0.11 -11.34 -9.68
C SER A 434 -1.46 -10.68 -9.65
N SER A 435 -2.23 -10.90 -8.59
CA SER A 435 -3.50 -10.22 -8.40
C SER A 435 -3.32 -8.72 -8.23
N ASN A 436 -2.12 -8.22 -7.88
CA ASN A 436 -1.86 -6.78 -7.80
C ASN A 436 -1.34 -6.17 -9.09
N ASN A 437 -1.24 -6.95 -10.16
CA ASN A 437 -0.65 -6.43 -11.40
C ASN A 437 -1.65 -5.65 -12.24
N THR A 438 -1.74 -4.34 -11.93
CA THR A 438 -2.66 -3.45 -12.64
C THR A 438 -1.98 -2.82 -13.83
N ALA A 439 -0.65 -3.09 -13.99
CA ALA A 439 0.05 -2.60 -15.17
C ALA A 439 -0.28 -3.58 -16.31
N HIS A 440 -0.77 -4.76 -15.98
CA HIS A 440 -1.08 -5.83 -16.92
C HIS A 440 0.16 -6.18 -17.75
N TYR A 441 1.30 -6.17 -17.07
CA TYR A 441 2.60 -6.49 -17.62
C TYR A 441 2.87 -8.00 -17.45
N LYS A 442 3.31 -8.62 -18.55
CA LYS A 442 3.56 -10.07 -18.55
C LYS A 442 4.90 -10.35 -19.21
N SER A 443 5.89 -10.59 -18.37
CA SER A 443 7.23 -10.86 -18.88
C SER A 443 7.78 -12.14 -18.30
N PRO A 444 7.92 -13.18 -19.14
CA PRO A 444 8.54 -14.43 -18.71
C PRO A 444 9.96 -14.19 -18.21
N ALA A 445 10.70 -13.25 -18.80
CA ALA A 445 12.06 -12.99 -18.29
C ALA A 445 12.05 -12.41 -16.87
N PHE A 446 11.13 -11.47 -16.70
CA PHE A 446 10.95 -10.85 -15.38
C PHE A 446 10.49 -11.89 -14.39
N ASP A 447 9.51 -12.74 -14.73
CA ASP A 447 9.04 -13.75 -13.81
C ASP A 447 10.15 -14.71 -13.38
N LYS A 448 10.99 -15.09 -14.35
CA LYS A 448 12.09 -16.00 -14.06
C LYS A 448 13.09 -15.40 -13.08
N LEU A 449 13.52 -14.15 -13.27
CA LEU A 449 14.45 -13.52 -12.32
C LEU A 449 13.92 -13.59 -10.90
N ILE A 450 12.65 -13.22 -10.69
CA ILE A 450 12.12 -13.27 -9.31
C ILE A 450 12.03 -14.70 -8.78
N ALA A 451 11.62 -15.67 -9.58
CA ALA A 451 11.49 -17.06 -9.18
C ALA A 451 12.84 -17.58 -8.69
N ASP A 452 13.88 -17.17 -9.41
CA ASP A 452 15.25 -17.50 -9.04
C ASP A 452 15.71 -16.93 -7.73
N THR A 453 15.16 -15.87 -7.17
CA THR A 453 15.60 -15.32 -5.92
C THR A 453 15.41 -16.24 -4.73
N LEU A 454 14.46 -17.18 -4.69
CA LEU A 454 14.36 -18.03 -3.51
C LEU A 454 15.04 -19.39 -3.76
N LYS A 455 15.64 -19.54 -4.93
CA LYS A 455 16.38 -20.74 -5.31
C LYS A 455 17.85 -20.65 -4.93
N VAL A 456 18.30 -19.48 -4.50
CA VAL A 456 19.64 -19.23 -4.00
C VAL A 456 19.44 -19.01 -2.49
N ALA A 457 20.41 -19.23 -1.64
CA ALA A 457 20.25 -18.97 -0.20
C ALA A 457 21.33 -17.93 0.14
N ASP A 458 21.43 -16.94 -0.73
CA ASP A 458 22.49 -15.92 -0.61
C ASP A 458 21.92 -14.53 -0.82
N ASP A 459 22.15 -13.60 0.09
CA ASP A 459 21.63 -12.24 0.01
C ASP A 459 22.18 -11.42 -1.14
N THR A 460 23.46 -11.59 -1.44
CA THR A 460 24.07 -10.86 -2.56
C THR A 460 23.48 -11.29 -3.88
N GLN A 461 23.32 -12.61 -4.04
CA GLN A 461 22.74 -13.07 -5.32
C GLN A 461 21.30 -12.57 -5.40
N ARG A 462 20.55 -12.66 -4.29
CA ARG A 462 19.18 -12.14 -4.33
C ARG A 462 19.19 -10.66 -4.71
N SER A 463 20.02 -9.82 -4.10
CA SER A 463 20.02 -8.39 -4.44
C SER A 463 20.38 -8.11 -5.88
N GLU A 464 21.33 -8.90 -6.41
CA GLU A 464 21.72 -8.78 -7.80
C GLU A 464 20.54 -9.17 -8.70
N LEU A 465 19.79 -10.20 -8.30
CA LEU A 465 18.61 -10.61 -9.08
C LEU A 465 17.51 -9.54 -9.04
N TYR A 466 17.31 -8.90 -7.90
CA TYR A 466 16.32 -7.80 -7.85
C TYR A 466 16.81 -6.65 -8.73
N ALA A 467 18.10 -6.28 -8.69
CA ALA A 467 18.61 -5.24 -9.56
C ALA A 467 18.33 -5.58 -11.03
N LYS A 468 18.61 -6.81 -11.46
CA LYS A 468 18.35 -7.22 -12.84
C LYS A 468 16.86 -7.22 -13.17
N ALA A 469 16.00 -7.56 -12.21
CA ALA A 469 14.55 -7.53 -12.39
C ALA A 469 14.14 -6.09 -12.65
N GLU A 470 14.71 -5.11 -11.92
CA GLU A 470 14.36 -3.72 -12.17
C GLU A 470 14.86 -3.32 -13.56
N GLN A 471 16.05 -3.78 -13.93
CA GLN A 471 16.58 -3.51 -15.27
C GLN A 471 15.65 -4.09 -16.32
N GLN A 472 15.08 -5.29 -16.16
CA GLN A 472 14.14 -5.85 -17.12
C GLN A 472 12.87 -4.99 -17.22
N LEU A 473 12.39 -4.56 -16.06
CA LEU A 473 11.21 -3.68 -16.03
C LEU A 473 11.46 -2.40 -16.81
N ASP A 474 12.59 -1.75 -16.55
CA ASP A 474 13.03 -0.53 -17.19
C ASP A 474 13.24 -0.71 -18.69
N LYS A 475 13.91 -1.79 -19.04
CA LYS A 475 14.15 -2.14 -20.46
C LYS A 475 12.82 -2.20 -21.19
N ASP A 476 11.82 -2.81 -20.59
CA ASP A 476 10.49 -2.89 -21.20
C ASP A 476 9.66 -1.63 -20.99
N SER A 477 10.09 -0.67 -20.21
CA SER A 477 9.34 0.51 -19.87
C SER A 477 7.91 0.12 -19.50
N ALA A 478 7.80 -0.79 -18.52
CA ALA A 478 6.51 -1.24 -18.05
C ALA A 478 5.79 -0.04 -17.43
N ILE A 479 6.49 0.86 -16.72
CA ILE A 479 5.87 2.00 -16.11
C ILE A 479 6.64 3.28 -16.37
N VAL A 480 6.14 4.38 -15.82
CA VAL A 480 6.84 5.65 -15.86
C VAL A 480 7.08 6.05 -14.40
N PRO A 481 8.26 5.75 -13.87
CA PRO A 481 8.62 6.17 -12.53
C PRO A 481 8.67 7.69 -12.49
N VAL A 482 8.11 8.22 -11.39
CA VAL A 482 8.07 9.68 -11.26
C VAL A 482 8.93 10.12 -10.08
N TYR A 483 8.62 9.73 -8.85
CA TYR A 483 9.42 10.10 -7.70
C TYR A 483 9.25 9.10 -6.56
N TYR A 484 10.19 9.08 -5.64
CA TYR A 484 10.05 8.24 -4.44
C TYR A 484 9.43 9.17 -3.42
N TYR A 485 8.37 8.73 -2.75
CA TYR A 485 7.73 9.61 -1.81
C TYR A 485 8.51 9.84 -0.50
N VAL A 486 8.14 10.95 0.09
CA VAL A 486 8.46 11.23 1.48
C VAL A 486 7.07 11.11 2.15
N ASN A 487 7.02 10.81 3.41
CA ASN A 487 5.75 10.76 4.14
C ASN A 487 5.51 12.12 4.77
N ALA A 488 4.75 13.00 4.14
CA ALA A 488 4.51 14.36 4.57
C ALA A 488 3.08 14.54 5.06
N ARG A 489 2.89 14.94 6.33
CA ARG A 489 1.52 15.14 6.79
C ARG A 489 1.53 16.16 7.93
N LEU A 490 0.36 16.65 8.36
CA LEU A 490 0.38 17.55 9.52
C LEU A 490 -0.11 16.77 10.73
N VAL A 491 0.49 16.95 11.90
CA VAL A 491 0.09 16.26 13.13
C VAL A 491 0.07 17.26 14.27
N LYS A 492 -1.04 17.39 14.99
CA LYS A 492 -1.12 18.43 16.03
C LYS A 492 -0.11 18.14 17.12
N PRO A 493 0.32 19.19 17.82
CA PRO A 493 1.32 19.08 18.85
C PRO A 493 0.91 18.19 20.00
N TRP A 494 -0.38 18.03 20.25
CA TRP A 494 -0.90 17.22 21.34
C TRP A 494 -1.09 15.77 20.95
N VAL A 495 -0.83 15.40 19.69
CA VAL A 495 -0.91 13.97 19.37
C VAL A 495 0.43 13.29 19.73
N GLY A 496 0.44 12.48 20.77
CA GLY A 496 1.70 11.80 21.14
C GLY A 496 1.75 10.40 20.51
N GLY A 497 2.96 9.85 20.39
CA GLY A 497 3.09 8.47 19.91
C GLY A 497 3.44 8.23 18.45
N TYR A 498 3.36 9.24 17.60
CA TYR A 498 3.70 9.13 16.19
C TYR A 498 5.17 9.50 16.02
N THR A 499 6.03 8.53 15.75
CA THR A 499 7.46 8.73 15.65
C THR A 499 7.93 9.21 14.28
N GLY A 500 7.33 8.68 13.22
CA GLY A 500 7.73 8.97 11.85
C GLY A 500 8.92 8.06 11.49
N LYS A 501 9.25 7.10 12.36
CA LYS A 501 10.37 6.20 12.12
C LYS A 501 10.00 4.99 11.28
N ASP A 502 8.70 4.74 11.11
CA ASP A 502 8.31 3.57 10.32
C ASP A 502 8.23 3.95 8.87
N PRO A 503 9.12 3.39 8.02
CA PRO A 503 9.09 3.68 6.60
C PRO A 503 7.86 3.13 5.90
N LEU A 504 7.11 2.22 6.54
CA LEU A 504 5.86 1.72 6.04
C LEU A 504 4.65 2.52 6.52
N ASP A 505 4.84 3.34 7.56
CA ASP A 505 3.78 4.14 8.14
C ASP A 505 2.58 3.28 8.56
N ASN A 506 2.88 2.17 9.26
CA ASN A 506 1.81 1.27 9.71
C ASN A 506 1.36 1.79 11.07
N ILE A 507 0.57 2.83 11.12
CA ILE A 507 0.15 3.39 12.43
C ILE A 507 -0.99 2.59 13.03
N TYR A 508 -0.97 2.46 14.35
CA TYR A 508 -2.01 1.85 15.15
C TYR A 508 -2.46 2.94 16.14
N VAL A 509 -3.75 3.30 16.08
CA VAL A 509 -4.29 4.31 17.01
C VAL A 509 -4.16 3.83 18.45
N LYS A 510 -4.07 2.52 18.74
CA LYS A 510 -3.79 2.05 20.11
C LYS A 510 -2.47 2.53 20.65
N ASN A 511 -1.54 3.01 19.81
CA ASN A 511 -0.27 3.52 20.25
C ASN A 511 -0.26 5.02 20.46
N LEU A 512 -1.34 5.73 20.15
CA LEU A 512 -1.28 7.17 20.28
C LEU A 512 -1.90 7.67 21.60
N TYR A 513 -1.72 8.94 21.88
CA TYR A 513 -2.34 9.50 23.08
C TYR A 513 -2.53 11.01 22.90
N ILE A 514 -3.51 11.58 23.61
CA ILE A 514 -3.75 13.01 23.49
C ILE A 514 -3.20 13.71 24.74
N ILE A 515 -2.29 14.63 24.49
CA ILE A 515 -1.61 15.39 25.54
C ILE A 515 -2.53 16.55 25.94
N LYS A 516 -2.56 16.90 27.22
CA LYS A 516 -3.41 17.98 27.68
C LYS A 516 -3.07 19.29 26.95
N HIS A 517 -4.06 19.98 26.43
CA HIS A 517 -3.79 21.24 25.76
C HIS A 517 -5.00 22.17 25.87
N LYS B 1 0.85 -2.01 -0.93
CA LYS B 1 -0.52 -1.42 -0.88
C LYS B 1 -0.63 -0.24 -1.85
N ASN B 2 -1.79 -0.06 -2.43
CA ASN B 2 -2.02 1.07 -3.35
C ASN B 2 -2.22 2.39 -2.62
N LYS B 3 -1.55 3.45 -3.07
CA LYS B 3 -1.64 4.74 -2.43
C LYS B 3 -2.07 5.79 -3.48
U U1 C . 17.28 -6.00 7.54
U U1 D . 18.36 -12.37 8.73
U U1 E . 19.98 -14.66 5.64
U U1 F . -7.29 23.59 -5.82
U U1 G . -8.66 6.15 -24.52
U U1 H . -8.09 23.49 26.28
U U1 I . -11.46 21.44 27.18
U U1 J . -12.56 18.21 31.74
#